data_1VJR
#
_entry.id   1VJR
#
_cell.length_a   93.998
_cell.length_b   93.998
_cell.length_c   160.365
_cell.angle_alpha   90.00
_cell.angle_beta   90.00
_cell.angle_gamma   90.00
#
_symmetry.space_group_name_H-M   'P 41 21 2'
#
loop_
_entity.id
_entity.type
_entity.pdbx_description
1 polymer 4-nitrophenylphosphatase
2 non-polymer 'NICKEL (II) ION'
3 non-polymer 'CHLORIDE ION'
4 water water
#
_entity_poly.entity_id   1
_entity_poly.type   'polypeptide(L)'
_entity_poly.pdbx_seq_one_letter_code
;MGSDKIHHHHHHVLDKIELFILD(MSE)DGTFYLDDSLLPGSLEFLETLKEKNKRFVFFTNNSSLGAQDYVRKLRN
(MSE)GVDVPDDAVVTSGEITAEH(MSE)LKRFGRCRIFLLGTPQLKKVFEAYGHVIDEENPDFVVLGFDKTLTYERLKK
ACILLRKGKFYIATHPDINCPSKEGPVPDAGSI(MSE)AAIEASTGRKPDLIAGKPNPLVVDVISEKFGVPKER(MSE)A
(MSE)VGDRLYTDVKLGKNAGIVSILVLTGETTPEDLERAETKPDFVFKNLGELAKAVQ
;
_entity_poly.pdbx_strand_id   A
#
# COMPACT_ATOMS: atom_id res chain seq x y z
CA HIS A 11 7.32 -13.09 -27.62
C HIS A 11 6.72 -12.67 -26.24
N HIS A 12 6.44 -13.68 -25.37
CA HIS A 12 5.60 -13.48 -24.15
C HIS A 12 6.30 -13.02 -22.85
N VAL A 13 6.61 -11.73 -22.90
CA VAL A 13 7.25 -10.95 -21.84
C VAL A 13 6.74 -11.13 -20.39
N LEU A 14 5.45 -11.44 -20.22
CA LEU A 14 4.92 -11.58 -18.86
C LEU A 14 5.27 -12.91 -18.20
N ASP A 15 5.72 -13.86 -19.01
CA ASP A 15 6.18 -15.13 -18.50
C ASP A 15 7.33 -14.97 -17.52
N LYS A 16 8.15 -13.94 -17.69
CA LYS A 16 9.30 -13.76 -16.84
C LYS A 16 8.96 -13.26 -15.40
N ILE A 17 7.73 -12.79 -15.17
CA ILE A 17 7.36 -12.31 -13.83
C ILE A 17 7.24 -13.48 -12.85
N GLU A 18 8.02 -13.43 -11.77
CA GLU A 18 8.01 -14.47 -10.74
C GLU A 18 7.21 -14.04 -9.50
N LEU A 19 7.14 -12.73 -9.26
CA LEU A 19 6.43 -12.23 -8.11
C LEU A 19 5.52 -11.06 -8.51
N PHE A 20 4.23 -11.21 -8.21
CA PHE A 20 3.24 -10.17 -8.44
C PHE A 20 2.82 -9.49 -7.14
N ILE A 21 2.99 -8.17 -7.10
CA ILE A 21 2.46 -7.37 -6.00
C ILE A 21 1.07 -6.96 -6.40
N LEU A 22 0.09 -7.26 -5.55
CA LEU A 22 -1.31 -7.03 -5.91
C LEU A 22 -1.99 -6.00 -5.03
N ASP A 23 -2.72 -5.07 -5.65
CA ASP A 23 -3.71 -4.24 -4.92
C ASP A 23 -4.80 -5.16 -4.39
N ASP A 25 -8.58 -4.14 -2.49
CA ASP A 25 -9.89 -3.60 -2.84
C ASP A 25 -9.84 -2.87 -4.20
N GLY A 26 -10.57 -3.39 -5.17
CA GLY A 26 -10.60 -2.80 -6.51
C GLY A 26 -9.83 -3.64 -7.53
N THR A 27 -8.97 -4.55 -7.04
CA THR A 27 -8.17 -5.44 -7.87
C THR A 27 -8.47 -6.93 -7.55
N PHE A 28 -8.32 -7.34 -6.30
CA PHE A 28 -8.60 -8.73 -5.97
C PHE A 28 -10.10 -8.97 -5.59
N TYR A 29 -10.68 -8.00 -4.90
CA TYR A 29 -12.07 -8.07 -4.49
C TYR A 29 -12.63 -6.67 -4.50
N LEU A 30 -13.95 -6.59 -4.37
CA LEU A 30 -14.64 -5.33 -4.36
C LEU A 30 -15.69 -5.32 -3.25
N ASP A 31 -15.42 -4.51 -2.22
CA ASP A 31 -16.18 -4.51 -0.97
C ASP A 31 -15.83 -5.77 -0.17
N ASP A 32 -16.76 -6.75 -0.20
CA ASP A 32 -16.59 -8.01 0.53
CA ASP A 32 -16.54 -8.02 0.51
CA ASP A 32 -16.67 -8.01 0.54
C ASP A 32 -16.73 -9.21 -0.42
N SER A 33 -16.65 -8.95 -1.73
CA SER A 33 -16.76 -10.00 -2.75
C SER A 33 -15.56 -10.07 -3.67
N LEU A 34 -15.06 -11.28 -3.88
CA LEU A 34 -13.99 -11.54 -4.86
C LEU A 34 -14.41 -11.20 -6.28
N LEU A 35 -13.43 -10.72 -7.03
CA LEU A 35 -13.65 -10.27 -8.38
C LEU A 35 -13.46 -11.45 -9.34
N PRO A 36 -14.03 -11.35 -10.56
CA PRO A 36 -13.92 -12.44 -11.54
C PRO A 36 -12.46 -12.76 -11.86
N GLY A 37 -12.10 -14.03 -11.71
CA GLY A 37 -10.77 -14.49 -12.05
C GLY A 37 -9.75 -14.41 -10.94
N SER A 38 -10.08 -13.75 -9.84
CA SER A 38 -9.13 -13.59 -8.73
C SER A 38 -8.58 -14.93 -8.22
N LEU A 39 -9.50 -15.87 -7.94
CA LEU A 39 -9.13 -17.20 -7.47
C LEU A 39 -8.37 -17.96 -8.51
N GLU A 40 -8.90 -17.96 -9.74
CA GLU A 40 -8.28 -18.50 -10.95
CA GLU A 40 -8.21 -18.62 -10.83
C GLU A 40 -6.80 -18.03 -11.04
N PHE A 41 -6.63 -16.73 -10.82
CA PHE A 41 -5.29 -16.11 -10.90
C PHE A 41 -4.31 -16.73 -9.89
N LEU A 42 -4.72 -16.82 -8.63
CA LEU A 42 -3.87 -17.46 -7.62
C LEU A 42 -3.61 -18.91 -7.93
N GLU A 43 -4.63 -19.63 -8.41
CA GLU A 43 -4.53 -21.05 -8.83
CA GLU A 43 -4.40 -21.05 -8.71
C GLU A 43 -3.41 -21.20 -9.87
N THR A 44 -3.45 -20.30 -10.85
CA THR A 44 -2.46 -20.22 -11.93
C THR A 44 -1.04 -19.99 -11.40
N LEU A 45 -0.89 -19.04 -10.51
CA LEU A 45 0.41 -18.75 -9.91
C LEU A 45 0.98 -20.00 -9.24
N LYS A 46 0.12 -20.69 -8.49
CA LYS A 46 0.52 -21.86 -7.74
C LYS A 46 1.01 -22.97 -8.67
N GLU A 47 0.26 -23.19 -9.77
CA GLU A 47 0.60 -24.15 -10.81
C GLU A 47 1.92 -23.86 -11.51
N LYS A 48 2.23 -22.58 -11.65
CA LYS A 48 3.40 -22.15 -12.42
C LYS A 48 4.59 -21.89 -11.48
N ASN A 49 4.42 -22.28 -10.22
CA ASN A 49 5.39 -21.96 -9.17
C ASN A 49 5.79 -20.48 -9.06
N LYS A 50 4.81 -19.61 -9.20
CA LYS A 50 5.02 -18.18 -9.10
C LYS A 50 4.43 -17.68 -7.81
N ARG A 51 4.67 -16.40 -7.52
CA ARG A 51 4.33 -15.85 -6.22
C ARG A 51 3.64 -14.53 -6.29
N PHE A 52 2.93 -14.22 -5.22
CA PHE A 52 2.22 -12.95 -5.11
C PHE A 52 2.35 -12.44 -3.68
N VAL A 53 2.12 -11.14 -3.51
CA VAL A 53 1.99 -10.53 -2.21
C VAL A 53 1.00 -9.37 -2.36
N PHE A 54 0.07 -9.26 -1.42
CA PHE A 54 -0.85 -8.12 -1.40
C PHE A 54 -0.18 -6.94 -0.76
N PHE A 55 -0.38 -5.78 -1.35
CA PHE A 55 0.05 -4.57 -0.70
C PHE A 55 -1.03 -3.52 -0.70
N THR A 56 -1.14 -2.80 0.41
CA THR A 56 -2.01 -1.63 0.49
C THR A 56 -1.33 -0.47 1.24
N ASN A 57 -1.61 0.75 0.80
CA ASN A 57 -1.17 1.96 1.50
C ASN A 57 -2.02 2.23 2.74
N ASN A 58 -3.13 1.50 2.85
CA ASN A 58 -4.12 1.82 3.87
C ASN A 58 -3.70 1.35 5.27
N SER A 59 -3.15 2.26 6.06
CA SER A 59 -2.64 1.89 7.37
C SER A 59 -3.65 2.07 8.52
N SER A 60 -4.94 2.10 8.20
CA SER A 60 -5.91 2.15 9.30
C SER A 60 -6.02 0.78 9.97
N LEU A 61 -5.52 -0.25 9.30
CA LEU A 61 -5.54 -1.59 9.86
C LEU A 61 -4.16 -2.22 9.66
N GLY A 62 -3.84 -3.29 10.41
CA GLY A 62 -2.61 -4.04 10.19
C GLY A 62 -2.73 -5.13 9.15
N ALA A 63 -1.57 -5.58 8.65
CA ALA A 63 -1.52 -6.70 7.71
C ALA A 63 -2.41 -7.89 8.17
N GLN A 64 -2.41 -8.22 9.46
CA GLN A 64 -3.22 -9.35 9.91
C GLN A 64 -4.72 -9.14 9.78
N ASP A 65 -5.16 -7.89 9.87
CA ASP A 65 -6.58 -7.57 9.69
C ASP A 65 -6.98 -7.87 8.26
N TYR A 66 -6.09 -7.61 7.32
CA TYR A 66 -6.38 -7.89 5.91
C TYR A 66 -6.24 -9.36 5.59
N VAL A 67 -5.32 -10.03 6.27
CA VAL A 67 -5.17 -11.49 6.10
C VAL A 67 -6.50 -12.12 6.50
N ARG A 68 -7.01 -11.67 7.65
CA ARG A 68 -8.28 -12.11 8.19
C ARG A 68 -9.43 -11.85 7.23
N LYS A 69 -9.46 -10.64 6.64
CA LYS A 69 -10.51 -10.28 5.71
C LYS A 69 -10.54 -11.22 4.50
N LEU A 70 -9.38 -11.47 3.91
CA LEU A 70 -9.20 -12.45 2.83
C LEU A 70 -9.67 -13.83 3.23
N ARG A 71 -9.20 -14.30 4.38
CA ARG A 71 -9.61 -15.63 4.82
C ARG A 71 -11.11 -15.75 4.94
N ASN A 72 -11.75 -14.69 5.41
CA ASN A 72 -13.20 -14.65 5.54
C ASN A 72 -13.96 -14.60 4.24
N GLY A 74 -12.88 -16.68 1.94
CA GLY A 74 -12.47 -17.99 1.42
C GLY A 74 -11.17 -18.00 0.61
N VAL A 75 -10.30 -17.04 0.88
CA VAL A 75 -8.96 -17.05 0.29
C VAL A 75 -8.01 -17.38 1.42
N ASP A 76 -7.50 -18.60 1.42
CA ASP A 76 -6.58 -19.03 2.46
C ASP A 76 -5.15 -18.61 2.10
N VAL A 77 -4.65 -17.62 2.83
CA VAL A 77 -3.33 -17.05 2.54
C VAL A 77 -2.50 -17.15 3.79
N PRO A 78 -1.19 -17.31 3.65
CA PRO A 78 -0.29 -17.31 4.83
C PRO A 78 -0.25 -15.91 5.47
N ASP A 79 0.32 -15.79 6.66
CA ASP A 79 0.37 -14.50 7.36
C ASP A 79 1.17 -13.48 6.62
N ASP A 80 2.14 -13.92 5.85
CA ASP A 80 3.07 -13.00 5.24
C ASP A 80 2.65 -12.57 3.84
N ALA A 81 1.42 -12.92 3.45
CA ALA A 81 0.87 -12.61 2.13
C ALA A 81 0.40 -11.16 1.97
N VAL A 82 0.27 -10.43 3.08
CA VAL A 82 -0.15 -9.02 3.00
C VAL A 82 0.92 -8.14 3.60
N VAL A 83 1.13 -6.99 2.96
CA VAL A 83 1.99 -5.96 3.51
C VAL A 83 1.27 -4.63 3.39
N THR A 84 1.42 -3.78 4.39
CA THR A 84 0.87 -2.43 4.30
C THR A 84 1.94 -1.39 4.50
N SER A 85 1.57 -0.14 4.25
CA SER A 85 2.50 0.96 4.48
C SER A 85 2.93 1.05 5.96
N GLY A 86 2.09 0.55 6.86
CA GLY A 86 2.39 0.54 8.28
C GLY A 86 3.60 -0.31 8.63
N GLU A 87 3.58 -1.57 8.20
CA GLU A 87 4.74 -2.45 8.37
C GLU A 87 5.96 -1.90 7.60
N ILE A 88 5.77 -1.34 6.40
CA ILE A 88 6.92 -0.78 5.68
C ILE A 88 7.58 0.33 6.53
N THR A 89 6.75 1.22 7.05
CA THR A 89 7.22 2.31 7.88
C THR A 89 7.87 1.82 9.18
N ALA A 90 7.21 0.89 9.88
CA ALA A 90 7.74 0.46 11.17
C ALA A 90 9.07 -0.26 10.98
N GLU A 91 9.15 -1.06 9.92
CA GLU A 91 10.35 -1.80 9.62
C GLU A 91 11.48 -0.87 9.18
N HIS A 92 11.18 0.14 8.37
CA HIS A 92 12.22 1.01 7.87
C HIS A 92 12.83 1.80 9.04
N LEU A 94 12.85 0.91 12.18
CA LEU A 94 13.60 -0.02 13.00
C LEU A 94 14.98 -0.27 12.41
N LYS A 95 15.02 -0.46 11.09
CA LYS A 95 16.25 -0.78 10.38
C LYS A 95 17.27 0.33 10.51
N ARG A 96 16.84 1.55 10.24
CA ARG A 96 17.70 2.73 10.15
C ARG A 96 17.90 3.46 11.47
N PHE A 97 16.91 3.40 12.36
CA PHE A 97 16.97 4.23 13.58
C PHE A 97 16.94 3.42 14.86
N GLY A 98 16.74 2.12 14.74
CA GLY A 98 16.51 1.27 15.91
C GLY A 98 15.11 1.43 16.45
N ARG A 99 14.96 1.14 17.74
CA ARG A 99 13.66 1.23 18.41
C ARG A 99 13.41 2.67 18.76
N CYS A 100 12.27 3.19 18.30
CA CYS A 100 11.99 4.63 18.36
C CYS A 100 10.85 4.98 19.30
N ARG A 101 10.98 6.15 19.92
CA ARG A 101 9.91 6.82 20.64
C ARG A 101 9.17 7.76 19.70
N ILE A 102 7.88 7.49 19.55
CA ILE A 102 7.07 8.14 18.51
C ILE A 102 5.78 8.72 19.09
N PHE A 103 5.32 9.82 18.48
CA PHE A 103 3.94 10.28 18.64
C PHE A 103 3.21 9.78 17.39
N LEU A 104 2.17 8.97 17.57
CA LEU A 104 1.49 8.35 16.44
C LEU A 104 0.08 8.89 16.21
N LEU A 105 -0.18 9.39 15.01
CA LEU A 105 -1.55 9.65 14.55
C LEU A 105 -1.98 8.40 13.78
N GLY A 106 -2.58 7.47 14.50
CA GLY A 106 -2.98 6.21 13.89
C GLY A 106 -4.02 5.55 14.74
N THR A 107 -4.70 4.57 14.15
CA THR A 107 -5.64 3.74 14.86
C THR A 107 -4.91 2.81 15.84
N PRO A 108 -5.68 2.24 16.76
CA PRO A 108 -5.15 1.24 17.68
C PRO A 108 -4.47 0.09 16.94
N GLN A 109 -5.01 -0.29 15.79
CA GLN A 109 -4.37 -1.33 14.96
C GLN A 109 -2.99 -0.87 14.47
N LEU A 110 -2.88 0.36 14.00
CA LEU A 110 -1.55 0.82 13.57
C LEU A 110 -0.59 0.88 14.75
N LYS A 111 -1.11 1.30 15.90
CA LYS A 111 -0.31 1.33 17.09
C LYS A 111 0.31 -0.05 17.41
N LYS A 112 -0.49 -1.12 17.37
CA LYS A 112 0.06 -2.48 17.54
C LYS A 112 1.15 -2.81 16.51
N VAL A 113 0.96 -2.37 15.26
CA VAL A 113 1.98 -2.55 14.25
C VAL A 113 3.33 -1.94 14.70
N PHE A 114 3.33 -0.68 15.11
CA PHE A 114 4.58 -0.06 15.54
C PHE A 114 5.16 -0.73 16.77
N GLU A 115 4.30 -1.13 17.69
CA GLU A 115 4.79 -1.77 18.91
C GLU A 115 5.35 -3.13 18.63
N ALA A 116 4.87 -3.78 17.57
CA ALA A 116 5.34 -5.12 17.26
C ALA A 116 6.78 -5.04 16.77
N TYR A 117 7.16 -3.89 16.22
CA TYR A 117 8.53 -3.64 15.79
C TYR A 117 9.41 -3.05 16.89
N GLY A 118 8.93 -3.06 18.12
CA GLY A 118 9.72 -2.60 19.26
C GLY A 118 9.74 -1.09 19.43
N HIS A 119 8.94 -0.35 18.66
CA HIS A 119 8.80 1.09 18.87
C HIS A 119 7.87 1.35 20.06
N VAL A 120 8.01 2.52 20.69
CA VAL A 120 7.25 2.87 21.88
C VAL A 120 6.49 4.16 21.60
N ILE A 121 5.21 4.18 21.93
CA ILE A 121 4.47 5.43 21.85
C ILE A 121 4.74 6.24 23.12
N ASP A 122 5.31 7.42 22.92
CA ASP A 122 5.65 8.35 23.99
C ASP A 122 5.19 9.69 23.49
N GLU A 123 4.10 10.19 24.03
CA GLU A 123 3.55 11.44 23.54
C GLU A 123 4.23 12.62 24.22
N GLU A 124 4.89 12.33 25.33
CA GLU A 124 5.59 13.30 26.13
C GLU A 124 6.94 13.69 25.50
N ASN A 125 7.78 12.68 25.26
CA ASN A 125 9.10 12.90 24.71
C ASN A 125 9.37 11.99 23.50
N PRO A 126 8.62 12.15 22.42
CA PRO A 126 8.88 11.40 21.18
C PRO A 126 10.09 11.98 20.43
N ASP A 127 10.70 11.20 19.55
CA ASP A 127 11.65 11.79 18.61
C ASP A 127 11.08 11.88 17.20
N PHE A 128 9.96 11.20 17.00
CA PHE A 128 9.27 11.14 15.70
C PHE A 128 7.82 11.46 15.85
N VAL A 129 7.32 12.20 14.85
CA VAL A 129 5.90 12.31 14.65
C VAL A 129 5.55 11.41 13.46
N VAL A 130 4.67 10.45 13.71
CA VAL A 130 4.30 9.45 12.69
C VAL A 130 2.82 9.56 12.35
N LEU A 131 2.54 9.85 11.09
CA LEU A 131 1.17 9.98 10.61
C LEU A 131 0.73 8.80 9.71
N GLY A 132 -0.36 8.14 10.10
CA GLY A 132 -0.99 7.08 9.28
C GLY A 132 -2.39 7.47 8.83
N PHE A 133 -3.14 6.51 8.27
CA PHE A 133 -4.56 6.78 7.96
C PHE A 133 -5.31 6.83 9.31
N ASP A 134 -5.28 7.98 9.98
CA ASP A 134 -5.81 8.06 11.35
C ASP A 134 -7.33 8.28 11.45
N LYS A 135 -8.07 7.17 11.32
CA LYS A 135 -9.53 7.18 11.46
C LYS A 135 -9.97 7.49 12.88
N THR A 136 -9.01 7.52 13.83
CA THR A 136 -9.29 8.01 15.19
C THR A 136 -8.68 9.41 15.49
N LEU A 137 -8.38 10.19 14.46
CA LEU A 137 -7.96 11.56 14.65
C LEU A 137 -8.96 12.35 15.55
N THR A 138 -8.43 13.08 16.52
CA THR A 138 -9.17 14.15 17.20
C THR A 138 -8.45 15.50 17.04
N TYR A 139 -9.16 16.59 17.34
CA TYR A 139 -8.53 17.89 17.37
C TYR A 139 -7.32 17.92 18.33
N GLU A 140 -7.48 17.41 19.54
CA GLU A 140 -6.44 17.46 20.54
C GLU A 140 -5.19 16.76 20.04
N ARG A 141 -5.38 15.62 19.41
CA ARG A 141 -4.29 14.88 18.83
C ARG A 141 -3.61 15.64 17.69
N LEU A 142 -4.39 16.26 16.81
CA LEU A 142 -3.84 17.14 15.78
C LEU A 142 -3.00 18.27 16.39
N LYS A 143 -3.55 18.89 17.44
CA LYS A 143 -2.88 19.97 18.13
C LYS A 143 -1.50 19.54 18.66
N LYS A 144 -1.49 18.41 19.38
CA LYS A 144 -0.25 17.89 19.94
C LYS A 144 0.80 17.62 18.89
N ALA A 145 0.38 17.04 17.78
CA ALA A 145 1.27 16.74 16.66
C ALA A 145 1.90 18.03 16.15
N CYS A 146 1.08 19.07 15.99
CA CYS A 146 1.57 20.32 15.48
C CYS A 146 2.59 20.94 16.43
N ILE A 147 2.27 20.95 17.73
CA ILE A 147 3.21 21.47 18.73
C ILE A 147 4.57 20.75 18.65
N LEU A 148 4.54 19.43 18.51
CA LEU A 148 5.77 18.64 18.40
C LEU A 148 6.52 18.93 17.11
N LEU A 149 5.79 19.13 16.02
CA LEU A 149 6.43 19.38 14.74
C LEU A 149 7.15 20.72 14.75
N ARG A 150 6.59 21.65 15.51
CA ARG A 150 7.19 22.96 15.70
C ARG A 150 8.41 22.88 16.58
N LYS A 151 8.58 21.79 17.31
CA LYS A 151 9.81 21.58 18.06
C LYS A 151 10.83 20.87 17.18
N GLY A 152 10.48 20.60 15.94
CA GLY A 152 11.45 20.04 15.03
C GLY A 152 11.59 18.53 15.06
N LYS A 153 10.62 17.83 15.62
CA LYS A 153 10.66 16.36 15.52
C LYS A 153 10.67 15.88 14.06
N PHE A 154 11.34 14.75 13.86
CA PHE A 154 11.39 14.10 12.58
C PHE A 154 9.98 13.60 12.21
N TYR A 155 9.59 13.77 10.96
CA TYR A 155 8.20 13.69 10.58
C TYR A 155 8.03 12.66 9.46
N ILE A 156 7.30 11.57 9.77
CA ILE A 156 7.11 10.44 8.86
C ILE A 156 5.63 10.18 8.63
N ALA A 157 5.26 10.01 7.37
CA ALA A 157 3.90 9.56 6.98
C ALA A 157 3.99 8.17 6.36
N THR A 158 3.00 7.32 6.63
CA THR A 158 3.03 5.98 6.06
C THR A 158 2.79 6.00 4.56
N HIS A 159 2.04 6.99 4.08
CA HIS A 159 1.66 7.05 2.65
C HIS A 159 1.09 8.46 2.33
N PRO A 160 1.07 8.86 1.05
CA PRO A 160 0.67 10.21 0.69
C PRO A 160 -0.79 10.46 0.39
N ASP A 161 -1.55 9.39 0.12
CA ASP A 161 -2.90 9.49 -0.48
C ASP A 161 -3.79 10.53 0.20
N ILE A 162 -4.30 11.47 -0.58
CA ILE A 162 -5.13 12.50 -0.01
C ILE A 162 -6.49 11.94 0.39
N ASN A 163 -7.01 11.07 -0.47
CA ASN A 163 -8.32 10.45 -0.23
C ASN A 163 -8.22 8.97 -0.40
N CYS A 164 -9.26 8.32 0.04
CA CYS A 164 -9.35 6.89 -0.08
C CYS A 164 -10.72 6.55 -0.71
N PRO A 165 -10.76 5.65 -1.70
CA PRO A 165 -12.02 5.24 -2.31
C PRO A 165 -12.89 4.53 -1.27
N SER A 166 -14.19 4.71 -1.36
CA SER A 166 -15.05 4.05 -0.41
C SER A 166 -16.44 3.90 -1.01
N LYS A 167 -17.29 3.12 -0.36
CA LYS A 167 -18.70 2.96 -0.71
C LYS A 167 -19.39 4.31 -0.73
N GLU A 168 -18.94 5.22 0.13
CA GLU A 168 -19.54 6.54 0.23
C GLU A 168 -18.83 7.56 -0.66
N GLY A 169 -17.90 7.11 -1.51
CA GLY A 169 -17.12 8.00 -2.37
C GLY A 169 -15.80 8.33 -1.70
N PRO A 170 -15.03 9.25 -2.29
CA PRO A 170 -13.70 9.63 -1.76
C PRO A 170 -13.76 10.23 -0.35
N VAL A 171 -13.00 9.67 0.59
CA VAL A 171 -13.03 10.12 1.96
C VAL A 171 -11.59 10.53 2.36
N PRO A 172 -11.44 11.55 3.23
CA PRO A 172 -10.09 12.05 3.58
C PRO A 172 -9.18 10.93 4.15
N ASP A 173 -7.93 10.92 3.74
CA ASP A 173 -6.98 9.88 4.10
C ASP A 173 -5.80 10.67 4.70
N ALA A 174 -4.65 10.03 4.83
CA ALA A 174 -3.47 10.63 5.42
C ALA A 174 -3.08 11.97 4.81
N GLY A 175 -3.11 12.04 3.48
CA GLY A 175 -2.74 13.27 2.76
C GLY A 175 -3.62 14.48 3.08
N SER A 176 -4.89 14.25 3.45
CA SER A 176 -5.76 15.34 3.88
C SER A 176 -5.37 15.86 5.27
N ILE A 177 -5.05 14.96 6.18
CA ILE A 177 -4.48 15.34 7.46
C ILE A 177 -3.14 16.07 7.27
N ALA A 179 -2.33 17.97 4.88
CA ALA A 179 -2.65 19.32 4.42
C ALA A 179 -2.97 20.25 5.61
N ALA A 180 -3.65 19.71 6.63
CA ALA A 180 -3.94 20.48 7.84
C ALA A 180 -2.63 20.74 8.58
N ILE A 181 -1.80 19.71 8.72
CA ILE A 181 -0.55 19.87 9.45
C ILE A 181 0.38 20.88 8.76
N GLU A 182 0.43 20.79 7.42
CA GLU A 182 1.30 21.67 6.68
C GLU A 182 0.82 23.11 6.74
N ALA A 183 -0.49 23.30 6.68
CA ALA A 183 -1.03 24.65 6.81
C ALA A 183 -0.67 25.20 8.20
N SER A 184 -0.81 24.39 9.25
CA SER A 184 -0.53 24.85 10.60
C SER A 184 0.96 25.06 10.93
N THR A 185 1.82 24.18 10.43
CA THR A 185 3.22 24.20 10.86
C THR A 185 4.18 24.58 9.75
N GLY A 186 3.70 24.55 8.51
CA GLY A 186 4.57 24.75 7.35
C GLY A 186 5.40 23.50 7.00
N ARG A 187 5.24 22.39 7.70
CA ARG A 187 6.06 21.19 7.38
C ARG A 187 5.30 20.15 6.57
N LYS A 188 6.01 19.55 5.61
CA LYS A 188 5.62 18.31 4.92
C LYS A 188 6.40 17.19 5.57
N PRO A 189 6.00 15.92 5.45
CA PRO A 189 6.82 14.85 6.04
C PRO A 189 8.26 14.84 5.52
N ASP A 190 9.17 14.37 6.35
CA ASP A 190 10.55 14.10 5.93
C ASP A 190 10.66 12.82 5.14
N LEU A 191 9.74 11.89 5.39
CA LEU A 191 9.68 10.62 4.72
C LEU A 191 8.22 10.25 4.56
N ILE A 192 7.85 9.82 3.36
CA ILE A 192 6.56 9.18 3.12
C ILE A 192 6.86 7.81 2.55
N ALA A 193 6.59 6.79 3.35
CA ALA A 193 7.07 5.44 3.07
C ALA A 193 6.36 4.68 1.92
N GLY A 194 5.04 4.85 1.78
CA GLY A 194 4.24 3.97 0.91
C GLY A 194 4.33 4.28 -0.58
N LYS A 195 3.60 3.52 -1.40
CA LYS A 195 3.45 3.77 -2.85
C LYS A 195 3.16 5.24 -3.06
N PRO A 196 3.75 5.89 -4.06
CA PRO A 196 4.64 5.26 -5.05
C PRO A 196 6.14 5.35 -4.70
N ASN A 197 6.47 5.52 -3.42
CA ASN A 197 7.87 5.45 -3.00
C ASN A 197 8.40 4.05 -3.34
N PRO A 198 9.53 3.95 -4.05
CA PRO A 198 10.01 2.64 -4.51
C PRO A 198 10.53 1.73 -3.35
N LEU A 199 10.69 2.30 -2.15
CA LEU A 199 11.00 1.57 -0.94
C LEU A 199 10.17 0.31 -0.79
N VAL A 200 8.87 0.44 -1.03
CA VAL A 200 7.97 -0.70 -1.00
C VAL A 200 8.51 -1.87 -1.83
N VAL A 201 8.89 -1.58 -3.07
CA VAL A 201 9.41 -2.60 -3.94
C VAL A 201 10.75 -3.15 -3.47
N ASP A 202 11.66 -2.26 -3.07
CA ASP A 202 12.95 -2.68 -2.56
C ASP A 202 12.78 -3.65 -1.41
N VAL A 203 11.91 -3.30 -0.47
CA VAL A 203 11.65 -4.16 0.69
C VAL A 203 11.18 -5.56 0.24
N ILE A 204 10.09 -5.59 -0.54
CA ILE A 204 9.54 -6.85 -1.00
C ILE A 204 10.56 -7.66 -1.76
N SER A 205 11.27 -6.99 -2.66
CA SER A 205 12.33 -7.65 -3.41
C SER A 205 13.39 -8.31 -2.51
N GLU A 206 13.82 -7.63 -1.44
CA GLU A 206 14.83 -8.19 -0.54
C GLU A 206 14.19 -9.30 0.31
N LYS A 207 12.97 -9.07 0.82
CA LYS A 207 12.24 -10.08 1.62
C LYS A 207 12.07 -11.43 0.93
N PHE A 208 11.70 -11.44 -0.35
CA PHE A 208 11.48 -12.70 -1.06
C PHE A 208 12.59 -13.04 -2.03
N GLY A 209 13.65 -12.24 -2.07
CA GLY A 209 14.83 -12.54 -2.89
C GLY A 209 14.59 -12.64 -4.39
N VAL A 210 13.68 -11.82 -4.92
CA VAL A 210 13.36 -11.78 -6.36
C VAL A 210 13.83 -10.45 -6.99
N PRO A 211 14.65 -10.53 -8.04
CA PRO A 211 15.09 -9.32 -8.77
C PRO A 211 13.91 -8.55 -9.33
N LYS A 212 14.05 -7.22 -9.31
CA LYS A 212 13.01 -6.32 -9.79
C LYS A 212 12.54 -6.68 -11.21
N GLU A 213 13.47 -7.20 -12.00
CA GLU A 213 13.20 -7.54 -13.38
CA GLU A 213 13.21 -7.57 -13.39
C GLU A 213 12.24 -8.76 -13.51
N ARG A 214 11.99 -9.45 -12.41
CA ARG A 214 11.06 -10.58 -12.38
CA ARG A 214 11.06 -10.57 -12.38
C ARG A 214 9.84 -10.27 -11.51
N ALA A 216 6.28 -7.57 -10.91
CA ALA A 216 5.27 -6.67 -11.43
C ALA A 216 4.35 -6.17 -10.32
N VAL A 218 0.53 -5.22 -9.95
CA VAL A 218 -0.81 -5.32 -10.55
C VAL A 218 -1.86 -4.58 -9.73
N GLY A 219 -2.52 -3.59 -10.34
CA GLY A 219 -3.46 -2.78 -9.59
C GLY A 219 -4.47 -1.98 -10.37
N ASP A 220 -5.24 -1.16 -9.66
CA ASP A 220 -6.31 -0.42 -10.29
C ASP A 220 -6.19 1.10 -10.06
N ARG A 221 -5.10 1.49 -9.39
CA ARG A 221 -4.76 2.91 -9.16
C ARG A 221 -3.87 3.46 -10.24
N LEU A 222 -4.50 4.07 -11.22
CA LEU A 222 -3.79 4.54 -12.38
C LEU A 222 -2.54 5.35 -12.01
N TYR A 223 -2.70 6.45 -11.29
CA TYR A 223 -1.56 7.30 -11.02
C TYR A 223 -0.51 6.62 -10.11
N THR A 224 -0.96 6.12 -8.97
CA THR A 224 -0.05 5.56 -7.97
C THR A 224 0.69 4.32 -8.38
N ASP A 225 -0.03 3.37 -8.97
CA ASP A 225 0.58 2.09 -9.28
C ASP A 225 1.53 2.22 -10.46
N VAL A 226 1.17 3.03 -11.45
CA VAL A 226 2.06 3.29 -12.58
C VAL A 226 3.33 3.98 -12.08
N LYS A 227 3.14 4.96 -11.21
CA LYS A 227 4.26 5.71 -10.66
C LYS A 227 5.18 4.82 -9.80
N LEU A 228 4.59 3.91 -9.04
CA LEU A 228 5.39 2.96 -8.30
C LEU A 228 6.29 2.19 -9.27
N GLY A 229 5.70 1.67 -10.36
CA GLY A 229 6.46 0.97 -11.40
C GLY A 229 7.59 1.80 -12.01
N LYS A 230 7.29 3.02 -12.43
CA LYS A 230 8.32 3.93 -12.89
C LYS A 230 9.38 4.16 -11.83
N ASN A 231 8.97 4.51 -10.63
CA ASN A 231 9.95 4.82 -9.60
C ASN A 231 10.87 3.64 -9.30
N ALA A 232 10.28 2.45 -9.28
CA ALA A 232 10.95 1.26 -8.82
C ALA A 232 11.61 0.52 -9.99
N GLY A 233 11.21 0.82 -11.21
CA GLY A 233 11.73 0.09 -12.35
C GLY A 233 11.15 -1.31 -12.45
N ILE A 234 9.85 -1.47 -12.19
CA ILE A 234 9.17 -2.76 -12.42
C ILE A 234 7.92 -2.53 -13.25
N VAL A 235 7.49 -3.59 -13.91
CA VAL A 235 6.34 -3.57 -14.81
C VAL A 235 5.07 -3.22 -14.06
N SER A 236 4.24 -2.32 -14.62
CA SER A 236 2.90 -2.03 -14.10
C SER A 236 1.81 -2.66 -14.98
N ILE A 237 0.92 -3.39 -14.33
CA ILE A 237 -0.25 -3.98 -14.98
C ILE A 237 -1.46 -3.41 -14.32
N LEU A 238 -2.23 -2.69 -15.11
CA LEU A 238 -3.49 -2.16 -14.66
C LEU A 238 -4.67 -3.06 -14.96
N VAL A 239 -5.55 -3.25 -13.98
CA VAL A 239 -6.85 -3.90 -14.24
C VAL A 239 -7.98 -2.89 -14.24
N LEU A 240 -9.08 -3.26 -14.91
CA LEU A 240 -10.17 -2.33 -15.19
C LEU A 240 -11.35 -2.47 -14.25
N THR A 241 -11.15 -3.19 -13.14
CA THR A 241 -12.21 -3.54 -12.20
C THR A 241 -12.44 -2.54 -11.09
N GLY A 242 -11.52 -1.59 -10.92
CA GLY A 242 -11.54 -0.71 -9.75
C GLY A 242 -11.59 0.77 -10.10
N GLU A 243 -10.64 1.52 -9.56
CA GLU A 243 -10.62 2.98 -9.72
C GLU A 243 -10.47 3.46 -11.15
N THR A 244 -9.86 2.63 -12.00
CA THR A 244 -9.52 3.03 -13.37
C THR A 244 -10.46 2.49 -14.46
N THR A 245 -10.95 3.41 -15.29
CA THR A 245 -11.74 3.09 -16.48
C THR A 245 -10.91 3.31 -17.77
N PRO A 246 -11.34 2.74 -18.89
CA PRO A 246 -10.69 3.02 -20.18
C PRO A 246 -10.65 4.51 -20.48
N GLU A 247 -11.69 5.23 -20.07
CA GLU A 247 -11.71 6.68 -20.30
CA GLU A 247 -11.79 6.66 -20.24
C GLU A 247 -10.63 7.38 -19.49
N ASP A 248 -10.40 6.96 -18.25
CA ASP A 248 -9.25 7.43 -17.45
C ASP A 248 -7.90 7.12 -18.12
N LEU A 249 -7.75 5.89 -18.64
CA LEU A 249 -6.52 5.53 -19.30
C LEU A 249 -6.23 6.44 -20.46
N GLU A 250 -7.25 6.80 -21.25
CA GLU A 250 -7.05 7.67 -22.37
C GLU A 250 -6.58 9.05 -21.96
N ARG A 251 -7.08 9.53 -20.82
CA ARG A 251 -6.74 10.85 -20.31
C ARG A 251 -5.36 10.86 -19.64
N ALA A 252 -4.92 9.71 -19.11
CA ALA A 252 -3.65 9.61 -18.36
C ALA A 252 -2.43 10.08 -19.14
N GLU A 253 -1.62 10.88 -18.46
CA GLU A 253 -0.37 11.38 -19.02
CA GLU A 253 -0.36 11.38 -19.04
C GLU A 253 0.65 10.25 -19.15
N THR A 254 0.62 9.31 -18.21
CA THR A 254 1.55 8.19 -18.19
C THR A 254 0.76 6.89 -18.16
N LYS A 255 1.05 6.00 -19.09
CA LYS A 255 0.28 4.77 -19.23
C LYS A 255 0.97 3.64 -18.50
N PRO A 256 0.21 2.62 -18.11
CA PRO A 256 0.77 1.42 -17.53
C PRO A 256 1.43 0.59 -18.62
N ASP A 257 2.27 -0.33 -18.22
CA ASP A 257 2.89 -1.22 -19.17
C ASP A 257 1.86 -2.13 -19.86
N PHE A 258 0.91 -2.66 -19.09
CA PHE A 258 -0.10 -3.58 -19.62
C PHE A 258 -1.44 -3.22 -18.99
N VAL A 259 -2.52 -3.53 -19.72
CA VAL A 259 -3.90 -3.34 -19.28
C VAL A 259 -4.67 -4.64 -19.49
N PHE A 260 -5.38 -5.08 -18.45
CA PHE A 260 -6.17 -6.32 -18.51
C PHE A 260 -7.49 -6.04 -17.89
N LYS A 261 -8.53 -6.71 -18.38
CA LYS A 261 -9.84 -6.55 -17.83
C LYS A 261 -9.85 -6.84 -16.33
N ASN A 262 -9.21 -7.95 -15.94
CA ASN A 262 -9.18 -8.39 -14.57
C ASN A 262 -8.15 -9.47 -14.38
N LEU A 263 -8.00 -9.95 -13.14
CA LEU A 263 -6.97 -10.94 -12.82
C LEU A 263 -7.16 -12.26 -13.55
N GLY A 264 -8.40 -12.57 -13.92
CA GLY A 264 -8.69 -13.77 -14.69
C GLY A 264 -8.10 -13.72 -16.08
N GLU A 265 -8.15 -12.53 -16.69
CA GLU A 265 -7.56 -12.35 -18.02
C GLU A 265 -6.03 -12.30 -17.92
N LEU A 266 -5.52 -11.70 -16.86
CA LEU A 266 -4.09 -11.73 -16.63
C LEU A 266 -3.62 -13.15 -16.48
N ALA A 267 -4.38 -13.96 -15.74
CA ALA A 267 -4.06 -15.35 -15.50
C ALA A 267 -3.93 -16.10 -16.81
N LYS A 268 -4.87 -15.87 -17.72
CA LYS A 268 -4.85 -16.52 -19.02
C LYS A 268 -3.62 -16.09 -19.83
N ALA A 269 -3.15 -14.87 -19.60
CA ALA A 269 -1.94 -14.39 -20.27
C ALA A 269 -0.71 -15.19 -19.88
N VAL A 270 -0.70 -15.73 -18.66
CA VAL A 270 0.50 -16.42 -18.17
C VAL A 270 0.39 -17.95 -18.06
N GLN A 271 -0.82 -18.49 -18.26
CA GLN A 271 -1.07 -19.94 -18.32
C GLN A 271 -0.35 -20.56 -19.53
#